data_1ZR5
#
_entry.id   1ZR5
#
_cell.length_a   40.549
_cell.length_b   72.258
_cell.length_c   144.641
_cell.angle_alpha   90.00
_cell.angle_beta   90.00
_cell.angle_gamma   90.00
#
_symmetry.space_group_name_H-M   'P 21 21 21'
#
loop_
_entity.id
_entity.type
_entity.pdbx_description
1 polymer 'H2AFY protein'
2 water water
#
_entity_poly.entity_id   1
_entity_poly.type   'polypeptide(L)'
_entity_poly.pdbx_seq_one_letter_code
;GAKQGEVSKAASADSTTEGTPADGFTVLSTKSLFLGQKLNLIHSEISNLAGFEVEAIINPTNADIDLKDDLGNTLEKKGG
KEFVEAVLELRKKNGPLEVAGAAVSAGHGLPAKFVIHCNSPVWGADKCEELLEKTVKNCLALADDKKLKSIAFPSIGSGR
NGFPKQTAAQLILKAISSYFVSTMSSSIKTVYFVLFDSESIGIYVQEMAKLDAN
;
_entity_poly.pdbx_strand_id   A,B
#
# COMPACT_ATOMS: atom_id res chain seq x y z
N ASP A 23 -14.47 20.05 -22.62
CA ASP A 23 -15.28 18.97 -21.96
C ASP A 23 -14.90 18.67 -20.48
N GLY A 24 -13.62 18.76 -20.15
CA GLY A 24 -13.10 18.28 -18.86
C GLY A 24 -12.44 16.91 -19.04
N PHE A 25 -12.93 16.13 -20.02
CA PHE A 25 -12.37 14.82 -20.42
C PHE A 25 -11.77 14.81 -21.82
N THR A 26 -10.49 14.44 -21.93
CA THR A 26 -9.81 14.35 -23.24
C THR A 26 -9.20 12.96 -23.51
N VAL A 27 -9.51 12.39 -24.67
CA VAL A 27 -9.08 11.02 -25.00
C VAL A 27 -7.60 10.96 -25.36
N LEU A 28 -6.86 10.15 -24.62
CA LEU A 28 -5.44 10.03 -24.85
C LEU A 28 -5.05 8.80 -25.65
N SER A 29 -5.85 7.73 -25.56
CA SER A 29 -5.53 6.50 -26.27
C SER A 29 -6.72 5.60 -26.60
N THR A 30 -6.59 4.77 -27.64
CA THR A 30 -7.62 3.77 -27.97
C THR A 30 -7.02 2.39 -28.27
N LYS A 31 -7.85 1.36 -28.23
CA LYS A 31 -7.45 0.04 -28.67
C LYS A 31 -8.66 -0.88 -28.68
N SER A 32 -8.89 -1.55 -29.81
CA SER A 32 -9.84 -2.65 -29.85
C SER A 32 -9.22 -3.92 -29.28
N LEU A 33 -10.05 -4.81 -28.74
CA LEU A 33 -9.61 -6.14 -28.34
C LEU A 33 -10.01 -7.17 -29.36
N PHE A 34 -9.46 -8.38 -29.20
CA PHE A 34 -9.71 -9.49 -30.14
C PHE A 34 -11.19 -9.65 -30.45
N LEU A 35 -12.07 -9.20 -29.57
CA LEU A 35 -13.50 -9.37 -29.80
C LEU A 35 -14.25 -8.09 -30.11
N GLY A 36 -13.49 -6.99 -30.20
CA GLY A 36 -14.03 -5.73 -30.70
C GLY A 36 -14.47 -4.70 -29.69
N GLN A 37 -14.25 -4.94 -28.40
CA GLN A 37 -14.56 -3.93 -27.37
C GLN A 37 -13.50 -2.86 -27.40
N LYS A 38 -13.89 -1.61 -27.13
CA LYS A 38 -12.95 -0.49 -27.10
C LYS A 38 -12.40 -0.18 -25.70
N LEU A 39 -11.08 0.05 -25.59
CA LEU A 39 -10.45 0.53 -24.36
C LEU A 39 -10.02 1.92 -24.54
N ASN A 40 -10.51 2.81 -23.68
CA ASN A 40 -10.18 4.23 -23.82
C ASN A 40 -9.41 4.75 -22.63
N LEU A 41 -8.32 5.45 -22.89
CA LEU A 41 -7.62 6.10 -21.80
C LEU A 41 -8.01 7.57 -21.77
N ILE A 42 -8.49 8.01 -20.61
CA ILE A 42 -8.94 9.41 -20.41
C ILE A 42 -8.25 10.07 -19.24
N HIS A 43 -7.91 11.34 -19.41
CA HIS A 43 -7.36 12.15 -18.33
C HIS A 43 -8.46 12.98 -17.74
N SER A 44 -8.51 12.99 -16.40
CA SER A 44 -9.39 13.86 -15.63
C SER A 44 -9.07 13.69 -14.16
N GLU A 45 -9.30 14.72 -13.36
CA GLU A 45 -9.15 14.60 -11.90
C GLU A 45 -10.12 13.57 -11.40
N ILE A 46 -9.69 12.74 -10.45
CA ILE A 46 -10.55 11.72 -9.83
C ILE A 46 -11.94 12.28 -9.52
N SER A 47 -11.99 13.57 -9.16
CA SER A 47 -13.24 14.20 -8.74
C SER A 47 -14.28 14.33 -9.85
N ASN A 48 -13.87 14.71 -11.06
CA ASN A 48 -14.80 14.83 -12.19
C ASN A 48 -15.44 13.51 -12.61
N LEU A 49 -14.86 12.39 -12.18
CA LEU A 49 -15.39 11.10 -12.57
C LEU A 49 -16.89 10.95 -12.41
N ALA A 50 -17.48 11.59 -11.38
CA ALA A 50 -18.90 11.45 -11.11
C ALA A 50 -19.80 12.00 -12.21
N GLY A 51 -19.34 13.06 -12.89
CA GLY A 51 -20.11 13.68 -13.97
C GLY A 51 -19.81 13.13 -15.35
N PHE A 52 -19.04 12.06 -15.38
CA PHE A 52 -18.64 11.42 -16.62
C PHE A 52 -19.78 10.61 -17.19
N GLU A 53 -20.01 10.74 -18.50
CA GLU A 53 -21.14 10.03 -19.16
C GLU A 53 -20.75 8.62 -19.56
N VAL A 54 -21.13 7.69 -18.70
CA VAL A 54 -20.89 6.26 -18.86
C VAL A 54 -21.87 5.53 -17.95
N GLU A 55 -22.21 4.32 -18.29
CA GLU A 55 -23.30 3.69 -17.59
C GLU A 55 -22.98 3.17 -16.20
N ALA A 56 -21.78 2.63 -16.02
CA ALA A 56 -21.28 2.19 -14.71
C ALA A 56 -19.99 2.86 -14.40
N ILE A 57 -19.72 3.03 -13.10
CA ILE A 57 -18.48 3.63 -12.59
C ILE A 57 -18.00 2.76 -11.43
N ILE A 58 -16.72 2.45 -11.42
CA ILE A 58 -16.17 1.64 -10.33
C ILE A 58 -15.64 2.52 -9.22
N ASN A 59 -16.14 2.32 -7.99
CA ASN A 59 -15.66 3.03 -6.82
C ASN A 59 -14.90 2.03 -5.99
N PRO A 60 -13.55 2.13 -5.95
CA PRO A 60 -12.83 1.29 -4.99
C PRO A 60 -12.97 1.89 -3.62
N THR A 61 -13.64 1.21 -2.69
CA THR A 61 -13.43 1.57 -1.29
C THR A 61 -13.05 0.33 -0.57
N ASN A 62 -13.65 0.14 0.59
CA ASN A 62 -13.22 -0.86 1.53
C ASN A 62 -14.38 -1.73 1.91
N ALA A 63 -14.16 -2.57 2.91
CA ALA A 63 -15.16 -3.49 3.39
C ALA A 63 -16.46 -2.77 3.75
N ASP A 64 -16.35 -1.54 4.22
CA ASP A 64 -17.52 -0.83 4.76
C ASP A 64 -18.20 0.09 3.78
N ILE A 65 -17.72 0.09 2.55
CA ILE A 65 -18.23 0.97 1.50
C ILE A 65 -18.54 2.39 2.02
N ASP A 66 -17.76 2.85 2.98
CA ASP A 66 -17.85 4.24 3.43
C ASP A 66 -17.22 5.08 2.33
N LEU A 67 -17.95 6.08 1.84
CA LEU A 67 -17.45 6.94 0.78
C LEU A 67 -16.68 8.08 1.42
N LYS A 68 -15.40 7.80 1.71
CA LYS A 68 -14.58 8.63 2.55
C LYS A 68 -13.25 8.86 1.88
N ASP A 69 -13.27 9.50 0.71
CA ASP A 69 -12.07 9.87 0.00
C ASP A 69 -12.55 10.64 -1.20
N ASP A 70 -11.81 11.68 -1.61
CA ASP A 70 -12.11 12.51 -2.78
C ASP A 70 -13.25 12.01 -3.69
N LEU A 71 -12.99 10.86 -4.31
CA LEU A 71 -13.97 10.19 -5.17
C LEU A 71 -15.31 9.85 -4.46
N GLY A 72 -15.24 9.13 -3.34
CA GLY A 72 -16.43 8.90 -2.53
C GLY A 72 -17.21 10.19 -2.29
N ASN A 73 -16.53 11.18 -1.70
CA ASN A 73 -17.10 12.50 -1.41
C ASN A 73 -17.75 13.21 -2.59
N THR A 74 -17.12 13.12 -3.76
CA THR A 74 -17.61 13.87 -4.91
C THR A 74 -18.83 13.21 -5.55
N LEU A 75 -18.85 11.87 -5.50
CA LEU A 75 -20.03 11.05 -5.78
C LEU A 75 -21.18 11.42 -4.84
N GLU A 76 -20.87 11.72 -3.59
CA GLU A 76 -21.90 12.17 -2.66
C GLU A 76 -22.46 13.57 -2.95
N LYS A 77 -21.63 14.50 -3.44
CA LYS A 77 -22.09 15.86 -3.74
C LYS A 77 -22.92 15.86 -5.02
N LYS A 78 -22.47 15.10 -6.03
CA LYS A 78 -23.20 15.01 -7.29
C LYS A 78 -24.45 14.12 -7.21
N GLY A 79 -24.61 13.42 -6.09
CA GLY A 79 -25.68 12.42 -5.95
C GLY A 79 -26.84 12.80 -5.05
N GLY A 80 -26.62 13.72 -4.13
CA GLY A 80 -27.65 14.13 -3.17
C GLY A 80 -27.99 13.04 -2.18
N LYS A 81 -29.00 13.33 -1.33
CA LYS A 81 -29.47 12.38 -0.31
C LYS A 81 -29.86 11.04 -0.93
N GLU A 82 -30.56 11.13 -2.07
CA GLU A 82 -31.01 9.99 -2.85
C GLU A 82 -29.94 8.91 -2.94
N PHE A 83 -28.76 9.33 -3.37
CA PHE A 83 -27.65 8.41 -3.63
C PHE A 83 -26.97 7.91 -2.35
N VAL A 84 -26.90 8.78 -1.32
CA VAL A 84 -26.25 8.41 -0.06
C VAL A 84 -27.11 7.41 0.73
N GLU A 85 -28.42 7.58 0.64
CA GLU A 85 -29.37 6.65 1.20
C GLU A 85 -29.25 5.30 0.52
N ALA A 86 -29.10 5.34 -0.81
CA ALA A 86 -29.04 4.14 -1.65
C ALA A 86 -27.88 3.22 -1.27
N VAL A 87 -26.73 3.83 -0.92
CA VAL A 87 -25.55 3.07 -0.47
C VAL A 87 -25.74 2.52 0.94
N LEU A 88 -26.38 3.28 1.81
CA LEU A 88 -26.68 2.76 3.14
C LEU A 88 -27.63 1.56 3.07
N GLU A 89 -28.51 1.56 2.07
CA GLU A 89 -29.30 0.38 1.76
C GLU A 89 -28.36 -0.76 1.37
N LEU A 90 -27.46 -0.46 0.44
CA LEU A 90 -26.52 -1.46 -0.02
C LEU A 90 -25.64 -2.00 1.13
N ARG A 91 -25.41 -1.18 2.15
CA ARG A 91 -24.65 -1.61 3.31
C ARG A 91 -25.44 -2.60 4.19
N LYS A 92 -26.74 -2.33 4.40
CA LYS A 92 -27.60 -3.23 5.17
C LYS A 92 -27.74 -4.56 4.44
N LYS A 93 -28.27 -4.49 3.22
CA LYS A 93 -28.63 -5.66 2.41
C LYS A 93 -27.42 -6.55 2.09
N ASN A 94 -26.24 -5.95 1.94
CA ASN A 94 -25.06 -6.72 1.61
C ASN A 94 -24.19 -7.06 2.84
N GLY A 95 -23.97 -6.08 3.72
CA GLY A 95 -23.11 -6.29 4.89
C GLY A 95 -21.70 -5.80 4.62
N PRO A 96 -20.72 -6.33 5.36
CA PRO A 96 -19.33 -5.93 5.04
C PRO A 96 -18.90 -6.58 3.73
N LEU A 97 -18.41 -5.76 2.80
CA LEU A 97 -17.90 -6.21 1.51
C LEU A 97 -16.60 -7.02 1.67
N GLU A 98 -16.56 -8.23 1.09
CA GLU A 98 -15.37 -9.06 1.28
C GLU A 98 -14.22 -8.66 0.35
N VAL A 99 -13.11 -9.39 0.44
CA VAL A 99 -11.94 -9.04 -0.37
C VAL A 99 -12.12 -9.59 -1.81
N ALA A 100 -11.97 -8.68 -2.79
CA ALA A 100 -12.28 -8.89 -4.21
C ALA A 100 -13.78 -8.80 -4.46
N GLY A 101 -14.54 -8.45 -3.42
CA GLY A 101 -15.97 -8.27 -3.53
C GLY A 101 -16.34 -7.02 -4.29
N ALA A 102 -17.37 -7.13 -5.12
CA ALA A 102 -17.98 -5.99 -5.78
C ALA A 102 -19.52 -6.03 -5.53
N ALA A 103 -20.13 -4.86 -5.38
CA ALA A 103 -21.58 -4.70 -5.26
C ALA A 103 -22.05 -3.36 -5.88
N VAL A 104 -23.31 -3.28 -6.29
CA VAL A 104 -23.88 -2.11 -6.98
C VAL A 104 -24.75 -1.16 -6.14
N SER A 105 -24.90 0.07 -6.60
CA SER A 105 -25.84 1.01 -6.05
C SER A 105 -26.39 1.76 -7.24
N ALA A 106 -27.57 2.34 -7.12
CA ALA A 106 -28.06 3.18 -8.20
C ALA A 106 -27.34 4.55 -8.14
N GLY A 107 -27.02 5.08 -9.33
CA GLY A 107 -26.33 6.38 -9.45
C GLY A 107 -27.27 7.58 -9.49
N HIS A 108 -28.12 7.68 -8.45
CA HIS A 108 -29.24 8.59 -8.45
C HIS A 108 -28.97 10.00 -8.95
N GLY A 109 -27.92 10.64 -8.46
CA GLY A 109 -27.65 11.99 -8.91
C GLY A 109 -27.04 12.01 -10.29
N LEU A 110 -26.09 11.11 -10.50
CA LEU A 110 -25.13 11.17 -11.58
C LEU A 110 -25.72 10.83 -12.95
N PRO A 111 -24.94 11.08 -14.02
CA PRO A 111 -25.25 10.48 -15.34
C PRO A 111 -25.07 8.95 -15.40
N ALA A 112 -24.18 8.35 -14.59
CA ALA A 112 -24.05 6.87 -14.58
C ALA A 112 -25.32 6.23 -14.03
N LYS A 113 -25.70 5.08 -14.61
CA LYS A 113 -26.85 4.34 -14.09
C LYS A 113 -26.51 3.70 -12.76
N PHE A 114 -25.35 3.07 -12.69
CA PHE A 114 -24.95 2.37 -11.48
C PHE A 114 -23.52 2.72 -11.11
N VAL A 115 -23.22 2.65 -9.81
CA VAL A 115 -21.85 2.73 -9.32
C VAL A 115 -21.54 1.36 -8.75
N ILE A 116 -20.45 0.76 -9.23
CA ILE A 116 -19.97 -0.57 -8.78
C ILE A 116 -18.84 -0.42 -7.75
N HIS A 117 -19.19 -0.61 -6.48
CA HIS A 117 -18.30 -0.47 -5.34
C HIS A 117 -17.50 -1.74 -5.17
N CYS A 118 -16.18 -1.63 -5.06
CA CYS A 118 -15.35 -2.82 -4.88
C CYS A 118 -14.29 -2.70 -3.79
N ASN A 119 -13.94 -3.83 -3.19
CA ASN A 119 -13.00 -3.88 -2.08
C ASN A 119 -11.74 -4.61 -2.50
N SER A 120 -10.86 -3.85 -3.14
CA SER A 120 -9.66 -4.40 -3.72
C SER A 120 -8.68 -4.96 -2.65
N PRO A 121 -7.83 -5.96 -3.01
CA PRO A 121 -6.89 -6.43 -1.99
C PRO A 121 -5.75 -5.41 -1.72
N VAL A 122 -5.01 -5.62 -0.62
CA VAL A 122 -3.90 -4.74 -0.20
C VAL A 122 -2.59 -5.37 -0.61
N TRP A 123 -1.67 -4.56 -1.13
CA TRP A 123 -0.36 -5.08 -1.49
C TRP A 123 0.28 -5.71 -0.27
N GLY A 124 0.85 -6.91 -0.45
CA GLY A 124 1.47 -7.62 0.64
C GLY A 124 0.48 -8.55 1.31
N ALA A 125 -0.78 -8.48 0.90
CA ALA A 125 -1.82 -9.47 1.26
C ALA A 125 -1.46 -10.83 0.64
N ASP A 126 -1.92 -11.90 1.26
CA ASP A 126 -1.75 -13.23 0.69
C ASP A 126 -2.51 -13.35 -0.62
N LYS A 127 -1.87 -13.91 -1.65
CA LYS A 127 -2.46 -14.05 -3.01
C LYS A 127 -3.00 -12.74 -3.57
N CYS A 128 -2.36 -11.61 -3.27
CA CYS A 128 -2.98 -10.32 -3.61
C CYS A 128 -3.10 -10.03 -5.13
N GLU A 129 -2.22 -10.63 -5.94
CA GLU A 129 -2.25 -10.37 -7.39
C GLU A 129 -3.46 -11.02 -8.03
N GLU A 130 -3.70 -12.30 -7.78
CA GLU A 130 -4.93 -12.94 -8.26
C GLU A 130 -6.15 -12.22 -7.75
N LEU A 131 -6.15 -11.88 -6.47
CA LEU A 131 -7.29 -11.19 -5.86
C LEU A 131 -7.58 -9.88 -6.61
N LEU A 132 -6.52 -9.19 -7.07
CA LEU A 132 -6.73 -7.98 -7.86
C LEU A 132 -7.31 -8.31 -9.21
N GLU A 133 -6.90 -9.43 -9.79
CA GLU A 133 -7.55 -9.89 -11.01
C GLU A 133 -9.00 -10.23 -10.72
N LYS A 134 -9.22 -10.91 -9.60
CA LYS A 134 -10.55 -11.34 -9.23
C LYS A 134 -11.52 -10.17 -9.03
N THR A 135 -11.09 -9.12 -8.33
CA THR A 135 -11.87 -7.86 -8.20
C THR A 135 -12.37 -7.33 -9.54
N VAL A 136 -11.43 -7.17 -10.47
CA VAL A 136 -11.73 -6.61 -11.77
C VAL A 136 -12.81 -7.44 -12.46
N LYS A 137 -12.67 -8.77 -12.44
CA LYS A 137 -13.62 -9.64 -13.09
C LYS A 137 -14.99 -9.51 -12.46
N ASN A 138 -15.00 -9.47 -11.14
CA ASN A 138 -16.26 -9.29 -10.41
C ASN A 138 -17.02 -8.03 -10.78
N CYS A 139 -16.32 -6.89 -10.85
CA CYS A 139 -16.92 -5.66 -11.34
C CYS A 139 -17.44 -5.81 -12.78
N LEU A 140 -16.76 -6.59 -13.62
CA LEU A 140 -17.20 -6.72 -15.00
C LEU A 140 -18.44 -7.60 -15.07
N ALA A 141 -18.45 -8.64 -14.23
CA ALA A 141 -19.57 -9.57 -14.14
C ALA A 141 -20.82 -8.79 -13.75
N LEU A 142 -20.63 -7.82 -12.83
CA LEU A 142 -21.76 -7.05 -12.31
C LEU A 142 -22.39 -6.18 -13.38
N ALA A 143 -21.55 -5.49 -14.15
CA ALA A 143 -22.02 -4.78 -15.32
C ALA A 143 -22.86 -5.69 -16.24
N ASP A 144 -22.28 -6.80 -16.70
CA ASP A 144 -22.90 -7.65 -17.72
C ASP A 144 -24.26 -8.14 -17.25
N ASP A 145 -24.30 -8.45 -15.98
CA ASP A 145 -25.48 -8.96 -15.32
C ASP A 145 -26.57 -7.87 -15.16
N LYS A 146 -26.20 -6.59 -15.21
CA LYS A 146 -27.19 -5.52 -15.28
C LYS A 146 -27.24 -5.03 -16.72
N LYS A 147 -26.74 -5.86 -17.62
CA LYS A 147 -26.76 -5.58 -19.06
C LYS A 147 -26.42 -4.12 -19.32
N LEU A 148 -25.19 -3.73 -18.97
CA LEU A 148 -24.67 -2.38 -19.20
C LEU A 148 -23.65 -2.34 -20.33
N LYS A 149 -23.64 -1.22 -21.03
CA LYS A 149 -22.92 -1.13 -22.30
C LYS A 149 -21.53 -0.46 -22.23
N SER A 150 -21.25 0.21 -21.11
CA SER A 150 -20.00 0.97 -20.96
C SER A 150 -19.68 1.22 -19.51
N ILE A 151 -18.42 1.06 -19.13
CA ILE A 151 -17.97 1.10 -17.74
C ILE A 151 -16.64 1.88 -17.64
N ALA A 152 -16.45 2.60 -16.55
CA ALA A 152 -15.26 3.43 -16.43
C ALA A 152 -14.45 3.05 -15.18
N PHE A 153 -13.19 2.65 -15.35
CA PHE A 153 -12.29 2.36 -14.19
C PHE A 153 -11.47 3.56 -13.76
N PRO A 154 -11.40 3.86 -12.47
CA PRO A 154 -10.38 4.86 -12.24
C PRO A 154 -9.08 4.08 -11.98
N SER A 155 -8.15 4.61 -11.21
CA SER A 155 -6.92 3.91 -11.00
C SER A 155 -7.04 2.96 -9.81
N ILE A 156 -6.94 1.67 -10.05
CA ILE A 156 -7.25 0.66 -9.03
C ILE A 156 -6.02 0.02 -8.41
N GLY A 157 -6.02 -0.17 -7.11
CA GLY A 157 -4.87 -0.79 -6.50
C GLY A 157 -3.81 0.23 -6.18
N SER A 158 -3.76 1.29 -6.94
CA SER A 158 -2.69 2.22 -6.63
C SER A 158 -3.16 3.20 -5.57
N GLY A 159 -2.18 3.76 -4.86
CA GLY A 159 -2.51 4.67 -3.78
C GLY A 159 -2.80 3.93 -2.48
N ARG A 160 -4.06 3.92 -2.06
CA ARG A 160 -4.40 3.41 -0.74
C ARG A 160 -3.95 1.94 -0.48
N ASN A 161 -3.92 1.14 -1.54
CA ASN A 161 -3.61 -0.31 -1.48
C ASN A 161 -2.18 -0.68 -1.79
N GLY A 162 -1.42 0.33 -2.21
CA GLY A 162 0.02 0.24 -2.35
C GLY A 162 0.59 -0.72 -3.33
N PHE A 163 -0.15 -1.08 -4.36
CA PHE A 163 0.41 -1.87 -5.47
C PHE A 163 1.36 -1.00 -6.25
N PRO A 164 2.44 -1.58 -6.79
CA PRO A 164 3.27 -0.80 -7.68
C PRO A 164 2.43 -0.41 -8.88
N LYS A 165 2.55 0.83 -9.33
CA LYS A 165 1.68 1.34 -10.39
C LYS A 165 1.73 0.41 -11.56
N GLN A 166 2.93 0.03 -11.96
CA GLN A 166 3.09 -0.83 -13.13
C GLN A 166 2.44 -2.20 -12.97
N THR A 167 2.63 -2.84 -11.82
CA THR A 167 2.02 -4.14 -11.61
C THR A 167 0.48 -4.08 -11.64
N ALA A 168 -0.11 -3.10 -10.95
CA ALA A 168 -1.54 -2.90 -10.98
C ALA A 168 -2.07 -2.85 -12.41
N ALA A 169 -1.42 -2.04 -13.26
CA ALA A 169 -1.84 -1.85 -14.66
C ALA A 169 -1.70 -3.14 -15.49
N GLN A 170 -0.57 -3.83 -15.36
CA GLN A 170 -0.42 -5.14 -15.94
C GLN A 170 -1.60 -6.08 -15.61
N LEU A 171 -1.86 -6.22 -14.30
CA LEU A 171 -2.85 -7.14 -13.79
C LEU A 171 -4.25 -6.75 -14.26
N ILE A 172 -4.64 -5.51 -13.98
CA ILE A 172 -5.94 -4.99 -14.42
C ILE A 172 -6.16 -5.23 -15.91
N LEU A 173 -5.23 -4.81 -16.77
CA LEU A 173 -5.38 -5.02 -18.23
C LEU A 173 -5.46 -6.50 -18.57
N LYS A 174 -4.69 -7.32 -17.88
CA LYS A 174 -4.71 -8.75 -18.11
C LYS A 174 -6.11 -9.33 -17.78
N ALA A 175 -6.72 -8.88 -16.69
CA ALA A 175 -8.00 -9.43 -16.26
C ALA A 175 -9.15 -9.05 -17.19
N ILE A 176 -9.06 -7.84 -17.74
CA ILE A 176 -10.07 -7.30 -18.67
C ILE A 176 -9.98 -8.07 -19.98
N SER A 177 -8.77 -8.22 -20.48
CA SER A 177 -8.52 -8.98 -21.69
C SER A 177 -9.00 -10.42 -21.48
N SER A 178 -8.80 -10.92 -20.26
CA SER A 178 -9.20 -12.29 -19.90
C SER A 178 -10.71 -12.52 -19.79
N TYR A 179 -11.44 -11.45 -19.50
CA TYR A 179 -12.88 -11.51 -19.31
C TYR A 179 -13.63 -11.63 -20.63
N PHE A 180 -13.23 -10.83 -21.62
CA PHE A 180 -13.93 -10.82 -22.88
C PHE A 180 -13.66 -12.08 -23.71
N VAL A 181 -12.43 -12.57 -23.59
CA VAL A 181 -12.09 -13.84 -24.17
C VAL A 181 -12.85 -14.98 -23.46
N SER A 182 -13.14 -14.84 -22.16
CA SER A 182 -13.79 -15.92 -21.39
C SER A 182 -15.31 -15.78 -21.26
N THR A 183 -15.83 -14.62 -21.64
CA THR A 183 -17.27 -14.36 -21.67
C THR A 183 -17.68 -14.10 -23.12
N MET A 184 -18.06 -15.16 -23.81
CA MET A 184 -18.26 -15.11 -25.26
C MET A 184 -18.98 -13.81 -25.73
N SER A 185 -20.22 -13.59 -25.28
CA SER A 185 -20.94 -12.37 -25.68
C SER A 185 -21.41 -11.50 -24.49
N SER A 186 -20.91 -10.27 -24.45
CA SER A 186 -21.13 -9.38 -23.33
C SER A 186 -21.84 -8.08 -23.69
N SER A 187 -22.57 -7.60 -22.69
CA SER A 187 -23.27 -6.33 -22.74
C SER A 187 -22.29 -5.18 -23.00
N ILE A 188 -21.05 -5.39 -22.56
CA ILE A 188 -20.02 -4.36 -22.43
C ILE A 188 -19.28 -4.05 -23.73
N LYS A 189 -19.43 -2.81 -24.18
CA LYS A 189 -18.91 -2.37 -25.47
C LYS A 189 -17.64 -1.51 -25.34
N THR A 190 -17.57 -0.69 -24.29
CA THR A 190 -16.53 0.32 -24.11
C THR A 190 -16.07 0.31 -22.65
N VAL A 191 -14.76 0.22 -22.44
CA VAL A 191 -14.24 0.48 -21.11
C VAL A 191 -13.28 1.65 -21.10
N TYR A 192 -13.49 2.57 -20.16
CA TYR A 192 -12.64 3.71 -20.00
C TYR A 192 -11.75 3.60 -18.77
N PHE A 193 -10.55 4.15 -18.87
CA PHE A 193 -9.68 4.38 -17.71
C PHE A 193 -9.57 5.87 -17.46
N VAL A 194 -9.97 6.31 -16.29
CA VAL A 194 -9.92 7.72 -16.05
C VAL A 194 -8.86 7.94 -15.00
N LEU A 195 -7.76 8.54 -15.43
CA LEU A 195 -6.55 8.69 -14.64
C LEU A 195 -6.11 10.15 -14.64
N PHE A 196 -5.36 10.52 -13.59
CA PHE A 196 -4.85 11.89 -13.42
C PHE A 196 -3.34 11.92 -13.27
N ASP A 197 -2.80 10.86 -12.65
CA ASP A 197 -1.38 10.73 -12.35
C ASP A 197 -0.58 10.52 -13.64
N SER A 198 0.25 11.51 -13.96
CA SER A 198 1.10 11.43 -15.15
C SER A 198 1.85 10.13 -15.35
N GLU A 199 2.42 9.56 -14.29
CA GLU A 199 3.18 8.34 -14.44
C GLU A 199 2.28 7.17 -14.80
N SER A 200 1.14 7.07 -14.11
CA SER A 200 0.18 6.01 -14.40
C SER A 200 -0.28 6.11 -15.85
N ILE A 201 -0.48 7.33 -16.34
CA ILE A 201 -0.88 7.51 -17.71
C ILE A 201 0.19 6.86 -18.59
N GLY A 202 1.46 7.19 -18.35
CA GLY A 202 2.57 6.62 -19.09
C GLY A 202 2.44 5.11 -19.19
N ILE A 203 2.44 4.48 -18.02
CA ILE A 203 2.34 3.04 -17.94
C ILE A 203 1.11 2.50 -18.69
N TYR A 204 -0.03 3.17 -18.58
CA TYR A 204 -1.23 2.64 -19.23
C TYR A 204 -1.11 2.65 -20.76
N VAL A 205 -0.55 3.74 -21.29
CA VAL A 205 -0.36 3.87 -22.73
C VAL A 205 0.57 2.77 -23.23
N GLN A 206 1.64 2.50 -22.48
CA GLN A 206 2.60 1.48 -22.84
C GLN A 206 1.94 0.12 -22.87
N GLU A 207 1.17 -0.15 -21.82
CA GLU A 207 0.58 -1.44 -21.65
C GLU A 207 -0.54 -1.69 -22.65
N MET A 208 -1.33 -0.67 -22.92
CA MET A 208 -2.35 -0.80 -23.95
C MET A 208 -1.73 -1.05 -25.33
N ALA A 209 -0.56 -0.50 -25.58
CA ALA A 209 0.10 -0.86 -26.81
C ALA A 209 0.46 -2.36 -26.89
N LYS A 210 0.59 -3.08 -25.77
CA LYS A 210 0.69 -4.56 -25.85
C LYS A 210 -0.66 -5.27 -26.18
N LEU A 211 -1.32 -4.77 -27.24
CA LEU A 211 -2.10 -5.57 -28.23
C LEU A 211 -3.19 -4.83 -29.10
N PHE B 25 28.87 -8.62 16.52
CA PHE B 25 28.59 -7.20 16.12
C PHE B 25 29.82 -6.33 16.27
N THR B 26 30.26 -5.74 15.17
CA THR B 26 31.35 -4.75 15.22
C THR B 26 30.91 -3.36 14.69
N VAL B 27 31.23 -2.32 15.47
CA VAL B 27 30.86 -0.93 15.15
C VAL B 27 31.70 -0.34 14.01
N LEU B 28 31.04 0.06 12.93
CA LEU B 28 31.74 0.59 11.77
C LEU B 28 31.80 2.12 11.70
N SER B 29 30.82 2.79 12.30
CA SER B 29 30.75 4.24 12.18
C SER B 29 29.85 4.84 13.26
N THR B 30 30.06 6.12 13.56
CA THR B 30 29.31 6.87 14.57
C THR B 30 28.95 8.26 14.07
N LYS B 31 27.93 8.86 14.67
CA LYS B 31 27.63 10.26 14.44
C LYS B 31 26.59 10.78 15.41
N SER B 32 26.92 11.85 16.13
CA SER B 32 25.94 12.59 16.90
C SER B 32 25.09 13.45 15.97
N LEU B 33 23.83 13.66 16.35
CA LEU B 33 23.01 14.66 15.68
C LEU B 33 22.99 16.01 16.41
N PHE B 34 22.37 16.99 15.77
CA PHE B 34 22.22 18.35 16.34
C PHE B 34 21.76 18.38 17.79
N LEU B 35 21.07 17.34 18.24
CA LEU B 35 20.55 17.29 19.60
C LEU B 35 21.17 16.19 20.46
N GLY B 36 22.22 15.54 19.95
CA GLY B 36 23.03 14.67 20.79
C GLY B 36 22.75 13.18 20.77
N GLN B 37 21.89 12.73 19.84
CA GLN B 37 21.58 11.31 19.67
C GLN B 37 22.64 10.62 18.81
N LYS B 38 23.02 9.39 19.19
CA LYS B 38 24.09 8.64 18.52
C LYS B 38 23.53 7.71 17.45
N LEU B 39 24.12 7.76 16.27
CA LEU B 39 23.79 6.87 15.15
C LEU B 39 24.92 5.88 14.98
N ASN B 40 24.63 4.59 15.04
CA ASN B 40 25.67 3.59 14.95
C ASN B 40 25.49 2.62 13.81
N LEU B 41 26.50 2.53 12.96
CA LEU B 41 26.44 1.56 11.90
C LEU B 41 27.13 0.27 12.34
N ILE B 42 26.41 -0.83 12.24
CA ILE B 42 26.91 -2.15 12.68
C ILE B 42 26.80 -3.18 11.57
N HIS B 43 27.80 -4.06 11.50
CA HIS B 43 27.78 -5.19 10.59
C HIS B 43 27.40 -6.48 11.32
N SER B 44 26.49 -7.24 10.71
CA SER B 44 26.00 -8.54 11.21
C SER B 44 24.99 -9.13 10.21
N GLU B 45 24.93 -10.46 10.13
CA GLU B 45 23.89 -11.14 9.34
C GLU B 45 22.55 -10.77 9.91
N ILE B 46 21.57 -10.55 9.01
CA ILE B 46 20.20 -10.18 9.40
C ILE B 46 19.70 -11.06 10.54
N SER B 47 20.16 -12.32 10.50
CA SER B 47 19.74 -13.36 11.45
C SER B 47 20.12 -13.06 12.91
N ASN B 48 21.41 -12.74 13.18
CA ASN B 48 21.84 -12.38 14.55
C ASN B 48 21.11 -11.18 15.17
N LEU B 49 20.37 -10.42 14.36
CA LEU B 49 19.72 -9.22 14.85
C LEU B 49 18.89 -9.50 16.10
N ALA B 50 18.26 -10.68 16.16
CA ALA B 50 17.42 -11.06 17.30
C ALA B 50 18.14 -11.05 18.66
N GLY B 51 19.37 -11.57 18.69
CA GLY B 51 20.20 -11.60 19.90
C GLY B 51 20.92 -10.30 20.22
N PHE B 52 20.71 -9.26 19.42
CA PHE B 52 21.32 -7.95 19.62
C PHE B 52 20.75 -7.22 20.83
N GLU B 53 21.63 -6.68 21.69
CA GLU B 53 21.21 -6.01 22.94
C GLU B 53 20.80 -4.55 22.69
N VAL B 54 19.49 -4.35 22.58
CA VAL B 54 18.91 -3.03 22.30
C VAL B 54 17.45 -3.14 22.69
N GLU B 55 16.83 -2.02 23.04
CA GLU B 55 15.50 -2.10 23.62
C GLU B 55 14.40 -2.45 22.63
N ALA B 56 14.46 -1.87 21.44
CA ALA B 56 13.49 -2.13 20.37
C ALA B 56 14.20 -2.56 19.12
N ILE B 57 13.52 -3.41 18.33
CA ILE B 57 14.02 -3.86 17.03
C ILE B 57 12.94 -3.70 15.96
N ILE B 58 13.33 -3.20 14.78
CA ILE B 58 12.38 -3.06 13.71
C ILE B 58 12.32 -4.28 12.80
N ASN B 59 11.14 -4.90 12.67
CA ASN B 59 10.95 -6.01 11.78
C ASN B 59 10.07 -5.48 10.67
N PRO B 60 10.63 -5.30 9.45
CA PRO B 60 9.78 -4.90 8.33
C PRO B 60 9.13 -6.15 7.80
N THR B 61 7.81 -6.25 7.91
CA THR B 61 7.13 -7.25 7.12
C THR B 61 6.09 -6.53 6.33
N ASN B 62 4.93 -7.13 6.26
CA ASN B 62 3.88 -6.75 5.38
C ASN B 62 2.59 -6.58 6.19
N ALA B 63 1.48 -6.42 5.49
CA ALA B 63 0.20 -6.14 6.07
C ALA B 63 -0.25 -7.17 7.10
N ASP B 64 0.18 -8.42 6.93
CA ASP B 64 -0.29 -9.52 7.79
C ASP B 64 0.67 -9.84 8.92
N ILE B 65 1.76 -9.07 9.01
CA ILE B 65 2.81 -9.30 10.01
C ILE B 65 3.13 -10.80 10.11
N ASP B 66 3.03 -11.53 9.01
CA ASP B 66 3.51 -12.91 9.03
C ASP B 66 5.06 -12.86 9.04
N LEU B 67 5.65 -13.60 9.96
CA LEU B 67 7.10 -13.57 10.13
C LEU B 67 7.64 -14.69 9.24
N LYS B 68 7.91 -14.33 7.99
CA LYS B 68 8.11 -15.30 6.92
C LYS B 68 9.27 -14.86 6.06
N ASP B 69 10.43 -14.75 6.69
CA ASP B 69 11.66 -14.43 6.01
C ASP B 69 12.73 -14.53 7.07
N ASP B 70 13.93 -14.95 6.68
CA ASP B 70 15.11 -15.04 7.57
C ASP B 70 14.93 -14.39 8.95
N LEU B 71 14.76 -13.06 8.94
CA LEU B 71 14.64 -12.26 10.14
C LEU B 71 13.43 -12.65 10.98
N GLY B 72 12.26 -12.67 10.35
CA GLY B 72 11.04 -13.14 11.00
C GLY B 72 11.30 -14.48 11.64
N ASN B 73 11.73 -15.43 10.83
CA ASN B 73 12.07 -16.78 11.27
C ASN B 73 13.03 -16.88 12.45
N THR B 74 14.09 -16.07 12.43
CA THR B 74 15.08 -16.11 13.50
C THR B 74 14.57 -15.47 14.80
N LEU B 75 13.68 -14.49 14.67
CA LEU B 75 12.94 -13.90 15.80
C LEU B 75 12.02 -14.92 16.44
N GLU B 76 11.48 -15.85 15.65
CA GLU B 76 10.68 -16.97 16.16
C GLU B 76 11.45 -18.07 16.89
N LYS B 77 12.67 -18.39 16.43
CA LYS B 77 13.52 -19.37 17.11
C LYS B 77 14.01 -18.81 18.44
N LYS B 78 14.52 -17.58 18.44
CA LYS B 78 15.02 -16.93 19.67
C LYS B 78 13.89 -16.47 20.62
N GLY B 79 12.64 -16.58 20.20
CA GLY B 79 11.53 -16.06 20.98
C GLY B 79 10.64 -17.10 21.66
N GLY B 80 10.60 -18.31 21.09
CA GLY B 80 9.73 -19.38 21.60
C GLY B 80 8.26 -19.15 21.33
N LYS B 81 7.41 -20.07 21.81
CA LYS B 81 5.95 -19.97 21.67
C LYS B 81 5.40 -18.69 22.24
N GLU B 82 5.95 -18.28 23.39
CA GLU B 82 5.66 -17.01 24.05
C GLU B 82 5.55 -15.86 23.04
N PHE B 83 6.61 -15.66 22.26
CA PHE B 83 6.73 -14.56 21.29
C PHE B 83 5.84 -14.71 20.05
N VAL B 84 5.71 -15.94 19.55
CA VAL B 84 4.88 -16.22 18.37
C VAL B 84 3.40 -16.04 18.67
N GLU B 85 3.00 -16.41 19.90
CA GLU B 85 1.65 -16.16 20.42
C GLU B 85 1.38 -14.65 20.52
N ALA B 86 2.38 -13.92 21.03
CA ALA B 86 2.25 -12.49 21.26
C ALA B 86 1.95 -11.71 19.98
N VAL B 87 2.60 -12.12 18.88
CA VAL B 87 2.33 -11.51 17.58
C VAL B 87 0.97 -11.91 17.05
N LEU B 88 0.54 -13.15 17.26
CA LEU B 88 -0.78 -13.51 16.81
C LEU B 88 -1.85 -12.73 17.56
N GLU B 89 -1.56 -12.36 18.82
CA GLU B 89 -2.37 -11.41 19.60
C GLU B 89 -2.35 -10.07 18.88
N LEU B 90 -1.15 -9.60 18.54
CA LEU B 90 -1.00 -8.36 17.80
C LEU B 90 -1.73 -8.35 16.43
N ARG B 91 -1.88 -9.52 15.80
CA ARG B 91 -2.70 -9.65 14.58
C ARG B 91 -4.21 -9.49 14.80
N LYS B 92 -4.75 -10.11 15.85
CA LYS B 92 -6.17 -9.97 16.16
C LYS B 92 -6.50 -8.53 16.49
N LYS B 93 -5.93 -8.06 17.60
CA LYS B 93 -6.17 -6.73 18.18
C LYS B 93 -5.93 -5.56 17.20
N ASN B 94 -4.94 -5.68 16.33
CA ASN B 94 -4.67 -4.62 15.37
C ASN B 94 -5.32 -4.84 13.99
N GLY B 95 -5.33 -6.08 13.51
CA GLY B 95 -5.85 -6.39 12.17
C GLY B 95 -4.77 -6.29 11.08
N PRO B 96 -5.18 -6.04 9.82
CA PRO B 96 -4.13 -5.92 8.79
C PRO B 96 -3.39 -4.60 8.96
N LEU B 97 -2.07 -4.65 8.96
CA LEU B 97 -1.23 -3.46 9.07
C LEU B 97 -1.29 -2.59 7.81
N GLU B 98 -1.53 -1.30 7.96
CA GLU B 98 -1.69 -0.48 6.77
C GLU B 98 -0.36 0.03 6.24
N VAL B 99 -0.36 0.79 5.15
CA VAL B 99 0.91 1.14 4.51
C VAL B 99 1.57 2.28 5.29
N ALA B 100 2.82 2.06 5.67
CA ALA B 100 3.58 2.90 6.63
C ALA B 100 3.14 2.71 8.10
N GLY B 101 2.22 1.79 8.30
CA GLY B 101 1.85 1.39 9.65
C GLY B 101 2.98 0.70 10.41
N ALA B 102 3.01 0.98 11.70
CA ALA B 102 3.92 0.32 12.62
C ALA B 102 3.09 -0.16 13.79
N ALA B 103 3.50 -1.25 14.46
CA ALA B 103 2.81 -1.81 15.63
C ALA B 103 3.76 -2.65 16.47
N VAL B 104 3.53 -2.74 17.77
CA VAL B 104 4.47 -3.41 18.68
C VAL B 104 4.08 -4.78 19.22
N SER B 105 5.08 -5.51 19.68
CA SER B 105 4.88 -6.80 20.28
C SER B 105 5.92 -6.89 21.39
N ALA B 106 5.70 -7.77 22.35
CA ALA B 106 6.71 -7.99 23.35
C ALA B 106 7.77 -8.95 22.79
N GLY B 107 9.02 -8.68 23.12
CA GLY B 107 10.11 -9.50 22.64
C GLY B 107 10.43 -10.63 23.59
N HIS B 108 9.42 -11.40 23.93
CA HIS B 108 9.49 -12.39 24.99
C HIS B 108 10.82 -13.16 25.13
N GLY B 109 11.24 -13.85 24.08
CA GLY B 109 12.51 -14.58 24.14
C GLY B 109 13.72 -13.67 24.18
N LEU B 110 13.75 -12.72 23.28
CA LEU B 110 14.93 -11.93 22.95
C LEU B 110 15.41 -11.00 24.07
N PRO B 111 16.67 -10.49 23.95
CA PRO B 111 17.09 -9.33 24.77
C PRO B 111 16.32 -8.00 24.50
N ALA B 112 15.74 -7.81 23.32
CA ALA B 112 14.97 -6.59 23.06
C ALA B 112 13.71 -6.65 23.87
N LYS B 113 13.28 -5.51 24.41
CA LYS B 113 12.01 -5.42 25.16
C LYS B 113 10.86 -5.57 24.16
N PHE B 114 10.97 -4.87 23.05
CA PHE B 114 9.90 -4.85 22.05
C PHE B 114 10.45 -5.00 20.63
N VAL B 115 9.61 -5.58 19.78
CA VAL B 115 9.86 -5.63 18.38
C VAL B 115 8.81 -4.71 17.77
N ILE B 116 9.25 -3.72 16.95
CA ILE B 116 8.30 -2.80 16.27
C ILE B 116 8.10 -3.26 14.82
N HIS B 117 6.95 -3.87 14.51
CA HIS B 117 6.68 -4.42 13.18
C HIS B 117 6.16 -3.28 12.32
N CYS B 118 6.64 -3.16 11.07
CA CYS B 118 6.16 -2.11 10.15
C CYS B 118 5.99 -2.60 8.73
N ASN B 119 5.08 -1.96 8.01
CA ASN B 119 4.68 -2.34 6.67
C ASN B 119 5.14 -1.23 5.77
N SER B 120 6.30 -1.43 5.17
CA SER B 120 6.94 -0.39 4.41
C SER B 120 6.28 -0.29 3.05
N PRO B 121 6.28 0.91 2.41
CA PRO B 121 5.70 0.96 1.06
C PRO B 121 6.60 0.25 0.04
N VAL B 122 6.08 -0.15 -1.12
CA VAL B 122 6.86 -0.78 -2.19
C VAL B 122 7.27 0.30 -3.18
N TRP B 123 8.46 0.15 -3.75
CA TRP B 123 8.91 0.99 -4.83
C TRP B 123 7.95 0.95 -6.04
N GLY B 124 7.59 2.12 -6.55
CA GLY B 124 6.66 2.21 -7.66
C GLY B 124 5.26 2.45 -7.17
N ALA B 125 5.06 2.32 -5.85
CA ALA B 125 3.78 2.69 -5.16
C ALA B 125 3.59 4.18 -5.27
N ASP B 126 2.34 4.63 -5.29
CA ASP B 126 2.01 6.04 -5.31
C ASP B 126 2.47 6.68 -4.04
N LYS B 127 3.15 7.82 -4.16
CA LYS B 127 3.75 8.54 -3.02
C LYS B 127 4.74 7.69 -2.19
N CYS B 128 5.47 6.77 -2.80
CA CYS B 128 6.23 5.81 -1.99
C CYS B 128 7.38 6.37 -1.17
N GLU B 129 7.94 7.49 -1.61
CA GLU B 129 9.06 8.06 -0.88
C GLU B 129 8.61 8.71 0.43
N GLU B 130 7.59 9.58 0.40
CA GLU B 130 6.99 10.06 1.69
C GLU B 130 6.58 8.90 2.58
N LEU B 131 5.87 7.94 2.00
CA LEU B 131 5.40 6.80 2.75
C LEU B 131 6.56 6.09 3.47
N LEU B 132 7.75 6.01 2.85
CA LEU B 132 8.92 5.44 3.54
C LEU B 132 9.37 6.32 4.68
N GLU B 133 9.24 7.64 4.50
CA GLU B 133 9.62 8.59 5.54
C GLU B 133 8.62 8.43 6.62
N LYS B 134 7.35 8.27 6.22
CA LYS B 134 6.29 8.12 7.19
C LYS B 134 6.50 6.86 8.04
N THR B 135 6.92 5.76 7.41
CA THR B 135 7.12 4.51 8.14
C THR B 135 8.14 4.68 9.24
N VAL B 136 9.27 5.27 8.90
CA VAL B 136 10.36 5.46 9.87
C VAL B 136 9.91 6.28 11.08
N LYS B 137 9.24 7.42 10.84
CA LYS B 137 8.73 8.24 11.93
C LYS B 137 7.77 7.47 12.84
N ASN B 138 6.93 6.64 12.23
CA ASN B 138 5.93 5.88 12.98
C ASN B 138 6.57 4.92 13.97
N CYS B 139 7.59 4.21 13.49
CA CYS B 139 8.44 3.38 14.35
C CYS B 139 9.11 4.17 15.48
N LEU B 140 9.64 5.35 15.16
CA LEU B 140 10.28 6.17 16.17
C LEU B 140 9.27 6.68 17.20
N ALA B 141 8.08 7.06 16.72
CA ALA B 141 7.00 7.46 17.58
C ALA B 141 6.63 6.34 18.56
N LEU B 142 6.63 5.11 18.06
CA LEU B 142 6.23 3.97 18.87
C LEU B 142 7.19 3.74 20.00
N ALA B 143 8.48 3.87 19.71
CA ALA B 143 9.51 3.74 20.71
C ALA B 143 9.37 4.78 21.82
N ASP B 144 9.26 6.05 21.43
CA ASP B 144 9.18 7.17 22.37
C ASP B 144 8.00 7.02 23.27
N ASP B 145 6.92 6.54 22.69
CA ASP B 145 5.68 6.37 23.39
C ASP B 145 5.72 5.19 24.39
N LYS B 146 6.62 4.22 24.17
CA LYS B 146 6.89 3.17 25.18
C LYS B 146 8.15 3.55 25.90
N LYS B 147 8.46 4.84 25.87
CA LYS B 147 9.62 5.40 26.57
C LYS B 147 10.83 4.45 26.49
N LEU B 148 11.33 4.22 25.27
CA LEU B 148 12.48 3.37 25.03
C LEU B 148 13.71 4.20 24.75
N LYS B 149 14.88 3.68 25.12
CA LYS B 149 16.11 4.46 25.06
C LYS B 149 16.98 4.15 23.84
N SER B 150 16.72 3.03 23.16
CA SER B 150 17.58 2.63 22.06
C SER B 150 16.83 1.69 21.14
N ILE B 151 17.08 1.86 19.84
CA ILE B 151 16.34 1.17 18.78
C ILE B 151 17.29 0.76 17.65
N ALA B 152 16.99 -0.35 16.99
CA ALA B 152 17.89 -0.88 15.95
C ALA B 152 17.13 -1.13 14.64
N PHE B 153 17.58 -0.51 13.56
CA PHE B 153 16.94 -0.70 12.24
C PHE B 153 17.74 -1.72 11.45
N PRO B 154 17.08 -2.63 10.73
CA PRO B 154 17.86 -3.30 9.74
C PRO B 154 17.71 -2.55 8.41
N SER B 155 17.96 -3.22 7.31
CA SER B 155 17.95 -2.52 6.07
C SER B 155 16.48 -2.41 5.57
N ILE B 156 15.93 -1.20 5.55
CA ILE B 156 14.51 -1.00 5.22
C ILE B 156 14.32 -0.55 3.77
N GLY B 157 13.24 -1.00 3.12
CA GLY B 157 12.92 -0.56 1.76
C GLY B 157 13.67 -1.30 0.66
N SER B 158 14.91 -1.70 0.93
CA SER B 158 15.69 -2.41 -0.06
C SER B 158 15.40 -3.89 -0.03
N GLY B 159 15.58 -4.57 -1.16
CA GLY B 159 15.32 -6.00 -1.23
C GLY B 159 13.88 -6.25 -1.61
N ARG B 160 13.09 -6.78 -0.66
CA ARG B 160 11.69 -7.15 -0.94
C ARG B 160 10.96 -5.98 -1.63
N ASN B 161 11.18 -4.75 -1.15
CA ASN B 161 10.41 -3.60 -1.58
C ASN B 161 10.98 -2.82 -2.78
N GLY B 162 12.15 -3.24 -3.22
CA GLY B 162 12.74 -2.77 -4.46
C GLY B 162 13.09 -1.31 -4.58
N PHE B 163 13.26 -0.62 -3.44
CA PHE B 163 13.82 0.73 -3.49
C PHE B 163 15.31 0.64 -3.93
N PRO B 164 15.78 1.61 -4.70
CA PRO B 164 17.20 1.68 -4.88
C PRO B 164 17.88 1.86 -3.49
N LYS B 165 19.01 1.15 -3.27
CA LYS B 165 19.71 1.17 -1.96
C LYS B 165 20.05 2.56 -1.51
N GLN B 166 20.45 3.39 -2.47
CA GLN B 166 20.90 4.73 -2.15
C GLN B 166 19.75 5.59 -1.73
N THR B 167 18.63 5.46 -2.43
CA THR B 167 17.48 6.29 -2.12
C THR B 167 16.91 5.91 -0.77
N ALA B 168 16.76 4.61 -0.54
CA ALA B 168 16.28 4.16 0.77
C ALA B 168 17.08 4.85 1.92
N ALA B 169 18.42 4.79 1.83
CA ALA B 169 19.27 5.36 2.87
C ALA B 169 19.08 6.89 2.99
N GLN B 170 19.11 7.62 1.86
CA GLN B 170 18.81 9.04 1.87
C GLN B 170 17.54 9.33 2.67
N LEU B 171 16.45 8.67 2.29
CA LEU B 171 15.15 8.90 2.89
C LEU B 171 15.09 8.56 4.40
N ILE B 172 15.49 7.32 4.74
CA ILE B 172 15.56 6.88 6.13
C ILE B 172 16.42 7.77 7.00
N LEU B 173 17.62 8.15 6.52
CA LEU B 173 18.46 9.10 7.29
C LEU B 173 17.76 10.43 7.48
N LYS B 174 17.22 10.97 6.40
CA LYS B 174 16.40 12.18 6.41
C LYS B 174 15.21 12.17 7.45
N ALA B 175 14.46 11.07 7.47
CA ALA B 175 13.35 10.94 8.39
C ALA B 175 13.83 10.90 9.82
N ILE B 176 14.95 10.22 10.07
CA ILE B 176 15.49 10.11 11.45
C ILE B 176 15.99 11.45 11.99
N SER B 177 16.71 12.17 11.15
CA SER B 177 17.15 13.52 11.45
C SER B 177 15.93 14.43 11.70
N SER B 178 14.89 14.26 10.88
CA SER B 178 13.70 15.11 10.94
C SER B 178 12.86 14.84 12.17
N TYR B 179 13.04 13.67 12.78
CA TYR B 179 12.24 13.28 13.93
C TYR B 179 12.74 13.90 15.23
N PHE B 180 14.05 13.91 15.42
CA PHE B 180 14.61 14.46 16.66
C PHE B 180 14.55 15.96 16.68
N VAL B 181 14.72 16.58 15.51
CA VAL B 181 14.53 18.01 15.34
C VAL B 181 13.05 18.41 15.52
N SER B 182 12.11 17.52 15.25
CA SER B 182 10.68 17.86 15.38
C SER B 182 10.03 17.34 16.66
N THR B 183 10.77 16.54 17.42
CA THR B 183 10.30 16.00 18.70
C THR B 183 11.30 16.45 19.75
N MET B 184 10.99 17.58 20.36
CA MET B 184 11.92 18.33 21.19
C MET B 184 12.71 17.41 22.14
N SER B 185 12.01 16.69 23.01
CA SER B 185 12.67 15.76 23.95
C SER B 185 12.14 14.33 23.83
N SER B 186 13.05 13.42 23.51
CA SER B 186 12.73 12.02 23.22
C SER B 186 13.39 11.04 24.16
N SER B 187 12.70 9.92 24.35
CA SER B 187 13.21 8.79 25.09
C SER B 187 14.47 8.20 24.44
N ILE B 188 14.57 8.38 23.13
CA ILE B 188 15.54 7.68 22.29
C ILE B 188 16.93 8.32 22.23
N LYS B 189 17.92 7.52 22.68
CA LYS B 189 19.32 7.96 22.85
C LYS B 189 20.25 7.45 21.75
N THR B 190 20.02 6.23 21.28
CA THR B 190 20.94 5.56 20.37
C THR B 190 20.14 4.91 19.29
N VAL B 191 20.49 5.15 18.03
CA VAL B 191 19.94 4.34 16.96
C VAL B 191 21.02 3.59 16.23
N TYR B 192 20.75 2.31 15.98
CA TYR B 192 21.66 1.44 15.29
C TYR B 192 21.09 1.07 13.91
N PHE B 193 22.01 0.94 12.95
CA PHE B 193 21.76 0.26 11.67
C PHE B 193 22.53 -1.05 11.57
N VAL B 194 21.82 -2.15 11.48
CA VAL B 194 22.51 -3.42 11.39
C VAL B 194 22.36 -3.93 9.99
N LEU B 195 23.46 -3.94 9.26
CA LEU B 195 23.45 -4.24 7.85
C LEU B 195 24.45 -5.36 7.60
N PHE B 196 24.28 -6.04 6.48
CA PHE B 196 25.18 -7.11 6.06
C PHE B 196 25.75 -6.89 4.65
N ASP B 197 24.92 -6.34 3.79
CA ASP B 197 25.26 -6.06 2.41
C ASP B 197 26.37 -5.01 2.32
N SER B 198 27.56 -5.43 1.87
CA SER B 198 28.67 -4.48 1.60
C SER B 198 28.36 -3.15 0.87
N GLU B 199 27.56 -3.17 -0.19
CA GLU B 199 27.22 -1.92 -0.87
C GLU B 199 26.41 -1.00 0.01
N SER B 200 25.42 -1.56 0.70
CA SER B 200 24.57 -0.78 1.60
C SER B 200 25.43 -0.18 2.71
N ILE B 201 26.43 -0.92 3.16
CA ILE B 201 27.29 -0.37 4.17
C ILE B 201 27.97 0.87 3.61
N GLY B 202 28.49 0.79 2.39
CA GLY B 202 29.19 1.91 1.77
C GLY B 202 28.32 3.15 1.77
N ILE B 203 27.16 3.02 1.16
CA ILE B 203 26.16 4.07 1.12
C ILE B 203 25.81 4.67 2.48
N TYR B 204 25.55 3.85 3.49
CA TYR B 204 25.24 4.42 4.80
C TYR B 204 26.42 5.21 5.38
N VAL B 205 27.66 4.79 5.13
CA VAL B 205 28.78 5.49 5.72
C VAL B 205 28.83 6.85 5.06
N GLN B 206 28.58 6.86 3.76
CA GLN B 206 28.69 8.11 2.99
C GLN B 206 27.64 9.05 3.50
N GLU B 207 26.43 8.54 3.63
CA GLU B 207 25.31 9.36 4.01
C GLU B 207 25.39 9.85 5.44
N MET B 208 25.79 9.01 6.36
CA MET B 208 25.98 9.50 7.68
C MET B 208 27.00 10.62 7.71
N ALA B 209 28.02 10.60 6.85
CA ALA B 209 28.97 11.73 6.80
C ALA B 209 28.32 13.05 6.36
N LYS B 210 27.16 13.02 5.69
CA LYS B 210 26.46 14.28 5.25
C LYS B 210 25.66 15.01 6.35
N LEU B 211 26.45 15.57 7.28
CA LEU B 211 26.09 16.55 8.35
C LEU B 211 26.87 16.30 9.68
#